data_3RBY
#
_entry.id   3RBY
#
_cell.length_a   122.320
_cell.length_b   122.320
_cell.length_c   174.001
_cell.angle_alpha   90.00
_cell.angle_beta   90.00
_cell.angle_gamma   120.00
#
_symmetry.space_group_name_H-M   'P 65 2 2'
#
loop_
_entity.id
_entity.type
_entity.pdbx_description
1 polymer 'Uncharacterized protein YLR301W'
2 non-polymer 'TRIETHYLENE GLYCOL'
3 non-polymer 'SULFATE ION'
4 water water
#
_entity_poly.entity_id   1
_entity_poly.type   'polypeptide(L)'
_entity_poly.pdbx_seq_one_letter_code
;HMPALLKRLLFQVGPHPNERTFTLSSVSTDGHYISLRPFVKPSGDELSFPFEWAFAGTNETVKANDQGNGVVTQDFNFWL
DTNVYLNVPNTHRGEVNTTWKNWDSGCVEETGAVYPFGADKESVSFREMWQPVDPSREDLVIVSPNNEKFSSNARSIVLK
VTDEAYDGLVIVIGRWIQGFLSQKNNNTIEGLNFIRLLEKDSGKSEFLLSYGKEVNKIPQSYENLKKGSTVTSNGLNWEV
IEYHA
;
_entity_poly.pdbx_strand_id   A,B
#
loop_
_chem_comp.id
_chem_comp.type
_chem_comp.name
_chem_comp.formula
PGE non-polymer 'TRIETHYLENE GLYCOL' 'C6 H14 O4'
SO4 non-polymer 'SULFATE ION' 'O4 S -2'
#
# COMPACT_ATOMS: atom_id res chain seq x y z
N HIS A 1 4.58 18.62 -15.95
CA HIS A 1 4.62 18.10 -14.58
C HIS A 1 4.98 16.60 -14.50
N MET A 2 4.03 15.76 -14.06
CA MET A 2 4.40 14.42 -13.56
C MET A 2 3.73 13.18 -14.16
N PRO A 3 4.55 12.14 -14.38
CA PRO A 3 4.09 10.78 -14.67
C PRO A 3 3.63 10.10 -13.37
N ALA A 4 2.95 8.97 -13.50
CA ALA A 4 2.45 8.25 -12.35
C ALA A 4 2.76 6.76 -12.46
N LEU A 5 3.12 6.18 -11.31
CA LEU A 5 3.33 4.74 -11.19
C LEU A 5 2.45 4.26 -10.05
N LEU A 6 1.43 3.46 -10.34
CA LEU A 6 0.56 2.94 -9.27
C LEU A 6 0.63 1.41 -9.09
N LYS A 7 0.66 0.99 -7.83
CA LYS A 7 0.70 -0.43 -7.47
C LYS A 7 -0.70 -0.81 -7.00
N ARG A 8 -1.29 -1.85 -7.59
CA ARG A 8 -2.63 -2.21 -7.18
C ARG A 8 -2.59 -2.95 -5.84
N LEU A 9 -3.50 -2.56 -4.94
CA LEU A 9 -3.58 -3.09 -3.56
C LEU A 9 -4.68 -4.11 -3.40
N LEU A 10 -5.76 -3.95 -4.16
CA LEU A 10 -6.84 -4.94 -4.16
C LEU A 10 -7.73 -4.78 -5.37
N PHE A 11 -8.35 -5.89 -5.75
CA PHE A 11 -9.37 -5.98 -6.79
C PHE A 11 -10.61 -6.58 -6.11
N GLN A 12 -11.80 -6.04 -6.39
CA GLN A 12 -13.00 -6.59 -5.75
C GLN A 12 -14.21 -6.55 -6.67
N VAL A 13 -14.76 -7.73 -7.01
CA VAL A 13 -16.02 -7.78 -7.76
C VAL A 13 -17.18 -8.36 -6.95
N GLY A 14 -16.87 -9.00 -5.83
CA GLY A 14 -17.94 -9.50 -4.99
C GLY A 14 -17.99 -8.77 -3.67
N PRO A 15 -18.53 -9.45 -2.64
CA PRO A 15 -18.36 -9.01 -1.26
C PRO A 15 -16.92 -9.26 -0.76
N HIS A 16 -16.09 -9.92 -1.57
CA HIS A 16 -14.76 -10.34 -1.12
C HIS A 16 -13.59 -9.84 -1.94
N PRO A 17 -12.88 -8.84 -1.43
CA PRO A 17 -11.68 -8.36 -2.11
C PRO A 17 -10.54 -9.36 -1.98
N ASN A 18 -9.55 -9.23 -2.86
CA ASN A 18 -8.35 -10.07 -2.82
C ASN A 18 -7.30 -9.39 -3.69
N GLU A 19 -6.08 -9.90 -3.70
CA GLU A 19 -5.08 -9.38 -4.62
C GLU A 19 -4.15 -10.51 -5.02
N ARG A 20 -4.39 -11.10 -6.20
CA ARG A 20 -3.59 -12.25 -6.66
C ARG A 20 -2.42 -11.85 -7.54
N THR A 21 -2.25 -10.55 -7.79
CA THR A 21 -1.26 -10.08 -8.76
C THR A 21 -0.20 -9.16 -8.15
N PHE A 22 0.81 -8.85 -8.94
CA PHE A 22 1.78 -7.81 -8.64
C PHE A 22 1.60 -6.74 -9.73
N THR A 23 0.44 -6.08 -9.72
CA THR A 23 0.06 -5.16 -10.76
C THR A 23 0.67 -3.75 -10.56
N LEU A 24 1.24 -3.23 -11.65
CA LEU A 24 1.73 -1.87 -11.69
C LEU A 24 1.10 -1.21 -12.91
N SER A 25 0.54 -0.01 -12.74
CA SER A 25 0.10 0.79 -13.88
C SER A 25 1.02 1.98 -14.10
N SER A 26 1.54 2.10 -15.32
CA SER A 26 2.38 3.24 -15.68
C SER A 26 1.60 4.25 -16.51
N VAL A 27 1.55 5.50 -16.04
CA VAL A 27 0.95 6.56 -16.84
C VAL A 27 2.02 7.63 -17.11
N SER A 28 2.40 7.78 -18.38
CA SER A 28 3.42 8.75 -18.74
C SER A 28 2.87 10.16 -18.55
N THR A 29 3.78 11.14 -18.50
CA THR A 29 3.41 12.53 -18.40
C THR A 29 2.47 12.90 -19.55
N ASP A 30 2.82 12.52 -20.77
CA ASP A 30 1.98 12.78 -21.93
C ASP A 30 0.63 12.02 -21.89
N GLY A 31 0.51 11.02 -21.01
CA GLY A 31 -0.75 10.32 -20.82
C GLY A 31 -0.86 8.91 -21.38
N HIS A 32 0.23 8.40 -21.98
CA HIS A 32 0.26 7.02 -22.46
C HIS A 32 0.29 6.06 -21.24
N TYR A 33 -0.37 4.91 -21.36
CA TYR A 33 -0.53 4.02 -20.21
C TYR A 33 -0.39 2.54 -20.55
N ILE A 34 0.18 1.77 -19.61
CA ILE A 34 0.22 0.30 -19.67
C ILE A 34 -0.03 -0.26 -18.27
N SER A 35 -0.68 -1.42 -18.20
CA SER A 35 -0.93 -2.07 -16.92
C SER A 35 -0.66 -3.58 -17.05
N LEU A 36 0.40 -4.06 -16.40
CA LEU A 36 0.75 -5.49 -16.42
C LEU A 36 0.32 -6.11 -15.10
N ARG A 37 -0.37 -7.26 -15.17
CA ARG A 37 -0.97 -7.86 -13.96
C ARG A 37 -0.57 -9.32 -13.74
N PRO A 38 0.74 -9.57 -13.65
CA PRO A 38 1.24 -10.95 -13.48
C PRO A 38 0.74 -11.52 -12.14
N PHE A 39 0.30 -12.77 -12.12
CA PHE A 39 -0.01 -13.44 -10.85
C PHE A 39 1.24 -13.59 -9.99
N VAL A 40 1.08 -13.56 -8.67
CA VAL A 40 2.21 -13.79 -7.77
C VAL A 40 2.47 -15.28 -7.60
N LYS A 41 1.37 -16.01 -7.38
CA LYS A 41 1.41 -17.46 -7.25
C LYS A 41 0.46 -18.13 -8.26
N PRO A 42 0.90 -18.19 -9.51
CA PRO A 42 0.10 -18.79 -10.58
C PRO A 42 -0.01 -20.30 -10.44
N SER A 43 -1.18 -20.85 -10.74
CA SER A 43 -1.38 -22.29 -10.68
C SER A 43 -0.84 -22.95 -11.95
N GLY A 44 -0.83 -24.28 -11.96
CA GLY A 44 -0.36 -25.02 -13.12
C GLY A 44 -1.12 -24.65 -14.38
N ASP A 45 -2.41 -24.40 -14.22
CA ASP A 45 -3.27 -24.05 -15.35
C ASP A 45 -2.84 -22.68 -15.91
N GLU A 46 -2.45 -21.78 -15.03
CA GLU A 46 -2.17 -20.43 -15.49
C GLU A 46 -0.69 -20.13 -15.72
N LEU A 47 0.16 -21.15 -15.62
CA LEU A 47 1.60 -20.98 -15.87
C LEU A 47 1.90 -20.63 -17.31
N SER A 48 1.04 -21.08 -18.22
CA SER A 48 1.27 -20.78 -19.64
C SER A 48 1.07 -19.29 -19.93
N PHE A 49 0.12 -18.66 -19.23
CA PHE A 49 -0.11 -17.21 -19.36
C PHE A 49 -0.31 -16.60 -17.98
N PRO A 50 0.80 -16.40 -17.26
CA PRO A 50 0.79 -15.98 -15.86
C PRO A 50 0.40 -14.53 -15.68
N PHE A 51 -0.76 -14.16 -16.20
CA PHE A 51 -1.29 -12.81 -16.01
C PHE A 51 -2.79 -12.87 -15.80
N GLU A 52 -3.28 -12.07 -14.87
CA GLU A 52 -4.71 -11.96 -14.64
C GLU A 52 -5.26 -11.17 -15.81
N TRP A 53 -4.47 -10.22 -16.29
CA TRP A 53 -4.85 -9.37 -17.42
C TRP A 53 -3.72 -8.41 -17.77
N ALA A 54 -3.86 -7.73 -18.90
CA ALA A 54 -2.87 -6.76 -19.36
C ALA A 54 -3.46 -5.86 -20.43
N PHE A 55 -3.17 -4.56 -20.35
CA PHE A 55 -3.71 -3.62 -21.31
C PHE A 55 -2.80 -2.39 -21.42
N ALA A 56 -3.00 -1.63 -22.48
CA ALA A 56 -2.20 -0.45 -22.74
C ALA A 56 -2.90 0.40 -23.79
N GLY A 57 -2.54 1.67 -23.85
CA GLY A 57 -3.09 2.55 -24.86
C GLY A 57 -2.28 3.82 -24.87
N THR A 58 -2.19 4.44 -26.03
CA THR A 58 -1.60 5.77 -26.16
C THR A 58 -2.61 6.79 -25.62
N ASN A 59 -2.19 8.02 -25.41
CA ASN A 59 -3.04 8.94 -24.68
C ASN A 59 -4.46 9.12 -25.23
N GLU A 60 -4.62 9.08 -26.55
CA GLU A 60 -5.95 9.35 -27.13
C GLU A 60 -6.96 8.23 -26.87
N THR A 61 -6.52 7.10 -26.32
CA THR A 61 -7.44 5.98 -26.10
C THR A 61 -8.16 6.05 -24.74
N VAL A 62 -7.91 7.11 -23.99
CA VAL A 62 -8.60 7.28 -22.72
C VAL A 62 -8.98 8.75 -22.57
N LYS A 63 -10.23 9.01 -22.21
CA LYS A 63 -10.67 10.37 -21.97
C LYS A 63 -10.70 10.60 -20.48
N ALA A 64 -9.70 11.38 -20.03
CA ALA A 64 -9.61 11.78 -18.62
C ALA A 64 -10.32 13.09 -18.38
N ASN A 65 -11.07 13.14 -17.33
CA ASN A 65 -11.71 14.38 -16.99
C ASN A 65 -11.83 14.61 -15.50
N ASP A 66 -11.33 15.76 -15.06
CA ASP A 66 -11.30 16.11 -13.64
C ASP A 66 -12.48 16.99 -13.25
N GLN A 67 -13.11 16.64 -12.14
CA GLN A 67 -14.22 17.40 -11.61
C GLN A 67 -13.75 18.20 -10.40
N GLY A 68 -12.48 18.01 -10.05
CA GLY A 68 -11.80 18.89 -9.10
C GLY A 68 -11.68 18.44 -7.64
N ASN A 69 -12.63 17.64 -7.17
CA ASN A 69 -12.68 17.29 -5.75
C ASN A 69 -11.97 15.99 -5.41
N GLY A 70 -11.07 15.55 -6.30
CA GLY A 70 -10.41 14.26 -6.17
C GLY A 70 -11.09 13.23 -7.05
N VAL A 71 -12.25 13.62 -7.60
CA VAL A 71 -12.98 12.78 -8.53
C VAL A 71 -12.56 13.07 -9.99
N VAL A 72 -12.03 12.06 -10.67
CA VAL A 72 -11.78 12.16 -12.10
C VAL A 72 -12.32 10.92 -12.82
N THR A 73 -12.73 11.11 -14.06
CA THR A 73 -13.33 10.04 -14.83
C THR A 73 -12.37 9.62 -15.91
N GLN A 74 -12.34 8.33 -16.19
CA GLN A 74 -11.47 7.87 -17.24
C GLN A 74 -12.25 6.87 -18.07
N ASP A 75 -12.36 7.17 -19.35
CA ASP A 75 -13.14 6.34 -20.26
C ASP A 75 -12.19 5.66 -21.20
N PHE A 76 -12.09 4.35 -21.03
CA PHE A 76 -11.07 3.58 -21.75
C PHE A 76 -11.60 2.88 -22.98
N ASN A 77 -10.87 3.02 -24.07
CA ASN A 77 -11.01 2.12 -25.21
C ASN A 77 -9.64 1.54 -25.52
N PHE A 78 -9.34 0.41 -24.89
CA PHE A 78 -7.98 -0.13 -24.89
C PHE A 78 -7.40 -0.39 -26.27
N TRP A 79 -6.11 -0.11 -26.41
CA TRP A 79 -5.38 -0.50 -27.61
C TRP A 79 -4.99 -1.98 -27.49
N LEU A 80 -4.19 -2.28 -26.47
CA LEU A 80 -3.93 -3.66 -26.05
C LEU A 80 -5.00 -4.08 -25.05
N ASP A 81 -5.65 -5.21 -25.31
CA ASP A 81 -6.53 -5.86 -24.32
C ASP A 81 -6.42 -7.38 -24.50
N THR A 82 -5.64 -8.04 -23.65
CA THR A 82 -5.37 -9.46 -23.87
C THR A 82 -6.67 -10.28 -23.97
N ASN A 83 -7.73 -9.80 -23.35
CA ASN A 83 -9.02 -10.44 -23.52
C ASN A 83 -9.42 -10.47 -24.99
N VAL A 84 -9.50 -9.30 -25.61
CA VAL A 84 -9.89 -9.26 -27.02
C VAL A 84 -8.83 -9.92 -27.89
N TYR A 85 -7.57 -9.74 -27.53
CA TYR A 85 -6.51 -10.36 -28.31
C TYR A 85 -6.68 -11.87 -28.34
N LEU A 86 -6.91 -12.45 -27.15
CA LEU A 86 -6.99 -13.89 -26.98
C LEU A 86 -8.41 -14.43 -27.08
N ASN A 87 -9.38 -13.55 -27.35
CA ASN A 87 -10.77 -13.97 -27.52
C ASN A 87 -11.37 -14.61 -26.25
N VAL A 88 -10.95 -14.12 -25.10
CA VAL A 88 -11.41 -14.66 -23.82
C VAL A 88 -12.90 -14.45 -23.62
N PRO A 89 -13.65 -15.55 -23.63
CA PRO A 89 -15.12 -15.53 -23.60
C PRO A 89 -15.64 -14.98 -22.29
N ASN A 90 -16.88 -14.50 -22.30
CA ASN A 90 -17.50 -13.97 -21.08
C ASN A 90 -16.63 -12.87 -20.47
N THR A 91 -16.31 -11.89 -21.30
CA THR A 91 -15.33 -10.87 -20.95
C THR A 91 -15.71 -9.55 -21.62
N HIS A 92 -15.64 -8.45 -20.88
CA HIS A 92 -16.12 -7.16 -21.38
C HIS A 92 -15.61 -6.87 -22.78
N ARG A 93 -16.45 -6.18 -23.54
CA ARG A 93 -16.07 -5.68 -24.85
C ARG A 93 -16.47 -4.21 -24.98
N GLY A 94 -15.59 -3.41 -25.58
CA GLY A 94 -15.90 -2.02 -25.83
C GLY A 94 -15.48 -1.09 -24.72
N GLU A 95 -15.99 0.13 -24.76
CA GLU A 95 -15.52 1.16 -23.86
C GLU A 95 -15.73 0.72 -22.41
N VAL A 96 -14.83 1.16 -21.53
CA VAL A 96 -15.03 0.97 -20.10
C VAL A 96 -15.04 2.32 -19.40
N ASN A 97 -16.11 2.59 -18.66
CA ASN A 97 -16.22 3.85 -17.94
C ASN A 97 -15.84 3.74 -16.47
N THR A 98 -14.79 4.46 -16.07
CA THR A 98 -14.29 4.36 -14.70
C THR A 98 -14.27 5.70 -13.98
N THR A 99 -14.34 5.63 -12.66
CA THR A 99 -14.29 6.80 -11.80
C THR A 99 -13.17 6.62 -10.78
N TRP A 100 -12.39 7.67 -10.58
CA TRP A 100 -11.24 7.64 -9.68
C TRP A 100 -11.38 8.68 -8.57
N LYS A 101 -11.23 8.24 -7.33
CA LYS A 101 -11.42 9.13 -6.20
C LYS A 101 -10.22 9.07 -5.26
N ASN A 102 -9.50 10.19 -5.13
CA ASN A 102 -8.39 10.31 -4.17
C ASN A 102 -8.88 10.21 -2.73
N TRP A 103 -8.19 9.42 -1.91
CA TRP A 103 -8.48 9.41 -0.47
C TRP A 103 -7.48 10.26 0.29
N ASP A 104 -7.82 10.65 1.50
CA ASP A 104 -6.88 11.40 2.34
C ASP A 104 -5.55 10.63 2.53
N SER A 105 -5.61 9.31 2.49
CA SER A 105 -4.41 8.50 2.71
C SER A 105 -3.44 8.60 1.54
N GLY A 106 -3.88 9.21 0.44
CA GLY A 106 -3.04 9.37 -0.74
C GLY A 106 -3.13 8.19 -1.70
N CYS A 107 -3.90 7.17 -1.32
CA CYS A 107 -4.30 6.11 -2.25
C CYS A 107 -5.48 6.59 -3.08
N VAL A 108 -5.86 5.78 -4.07
CA VAL A 108 -6.86 6.17 -5.05
C VAL A 108 -7.83 5.02 -5.32
N GLU A 109 -9.11 5.26 -5.07
CA GLU A 109 -10.12 4.25 -5.34
C GLU A 109 -10.61 4.34 -6.79
N GLU A 110 -10.42 3.27 -7.56
CA GLU A 110 -11.00 3.18 -8.89
C GLU A 110 -12.27 2.33 -8.84
N THR A 111 -13.37 2.85 -9.38
CA THR A 111 -14.62 2.09 -9.44
C THR A 111 -15.20 2.12 -10.85
N GLY A 112 -16.09 1.17 -11.12
CA GLY A 112 -16.79 1.13 -12.39
C GLY A 112 -17.66 -0.10 -12.56
N ALA A 113 -18.34 -0.16 -13.70
CA ALA A 113 -19.13 -1.32 -14.09
C ALA A 113 -18.57 -1.93 -15.37
N VAL A 114 -18.90 -3.19 -15.61
CA VAL A 114 -18.39 -3.88 -16.79
C VAL A 114 -19.49 -4.84 -17.31
N TYR A 115 -19.39 -5.32 -18.55
CA TYR A 115 -20.46 -6.16 -19.10
C TYR A 115 -19.90 -7.47 -19.67
N PRO A 116 -19.52 -8.37 -18.77
CA PRO A 116 -18.84 -9.61 -19.14
C PRO A 116 -19.65 -10.44 -20.14
N PHE A 117 -20.98 -10.35 -20.06
CA PHE A 117 -21.84 -11.28 -20.79
C PHE A 117 -22.56 -10.65 -21.96
N GLY A 118 -22.26 -9.37 -22.22
CA GLY A 118 -22.83 -8.67 -23.35
C GLY A 118 -23.37 -7.32 -22.93
N ALA A 119 -23.28 -6.36 -23.85
CA ALA A 119 -23.69 -4.97 -23.61
C ALA A 119 -25.15 -4.83 -23.18
N ASP A 120 -25.94 -5.85 -23.48
CA ASP A 120 -27.37 -5.85 -23.12
C ASP A 120 -27.71 -6.92 -22.09
N LYS A 121 -26.78 -7.17 -21.18
CA LYS A 121 -26.99 -8.12 -20.09
C LYS A 121 -26.79 -7.38 -18.78
N GLU A 122 -26.57 -8.11 -17.70
CA GLU A 122 -26.34 -7.46 -16.41
C GLU A 122 -24.91 -6.97 -16.29
N SER A 123 -24.72 -5.87 -15.55
CA SER A 123 -23.39 -5.33 -15.31
C SER A 123 -22.80 -5.78 -13.97
N VAL A 124 -21.50 -6.03 -13.98
CA VAL A 124 -20.72 -6.29 -12.78
C VAL A 124 -19.92 -5.04 -12.38
N SER A 125 -20.23 -4.51 -11.21
CA SER A 125 -19.49 -3.38 -10.67
C SER A 125 -18.19 -3.91 -10.02
N PHE A 126 -17.12 -3.12 -10.15
CA PHE A 126 -15.84 -3.50 -9.58
C PHE A 126 -15.21 -2.33 -8.81
N ARG A 127 -14.25 -2.67 -7.97
CA ARG A 127 -13.45 -1.68 -7.29
C ARG A 127 -11.99 -2.10 -7.21
N GLU A 128 -11.11 -1.14 -7.41
CA GLU A 128 -9.69 -1.38 -7.31
C GLU A 128 -9.06 -0.28 -6.49
N MET A 129 -8.20 -0.66 -5.55
CA MET A 129 -7.50 0.31 -4.75
C MET A 129 -6.06 0.43 -5.23
N TRP A 130 -5.60 1.67 -5.38
CA TRP A 130 -4.29 1.94 -5.95
C TRP A 130 -3.39 2.75 -5.04
N GLN A 131 -2.14 2.30 -4.97
CA GLN A 131 -1.10 2.97 -4.22
C GLN A 131 -0.11 3.69 -5.15
N PRO A 132 -0.11 5.02 -5.14
CA PRO A 132 0.93 5.75 -5.87
C PRO A 132 2.26 5.49 -5.19
N VAL A 133 3.27 5.28 -6.03
CA VAL A 133 4.57 4.85 -5.56
C VAL A 133 5.63 5.77 -6.23
N ASP A 134 6.83 5.84 -5.66
CA ASP A 134 7.84 6.78 -6.16
C ASP A 134 8.74 6.10 -7.17
N PRO A 135 8.56 6.45 -8.46
CA PRO A 135 9.20 5.74 -9.57
C PRO A 135 10.70 5.94 -9.61
N SER A 136 11.19 6.91 -8.87
CA SER A 136 12.63 7.16 -8.86
C SER A 136 13.38 6.27 -7.87
N ARG A 137 12.67 5.38 -7.17
CA ARG A 137 13.29 4.40 -6.24
C ARG A 137 13.30 3.01 -6.83
N GLU A 138 14.30 2.20 -6.47
CA GLU A 138 14.31 0.79 -6.89
C GLU A 138 13.40 -0.10 -6.02
N ASP A 139 13.04 0.38 -4.84
CA ASP A 139 12.03 -0.29 -4.02
C ASP A 139 10.64 0.33 -4.25
N LEU A 140 9.61 -0.35 -3.76
CA LEU A 140 8.25 0.17 -3.81
C LEU A 140 7.98 1.04 -2.59
N VAL A 141 8.20 2.34 -2.72
CA VAL A 141 7.99 3.26 -1.60
C VAL A 141 6.70 4.06 -1.76
N ILE A 142 5.90 4.08 -0.71
CA ILE A 142 4.63 4.79 -0.72
C ILE A 142 4.84 6.31 -0.79
N VAL A 143 3.98 6.98 -1.55
CA VAL A 143 4.09 8.43 -1.72
C VAL A 143 2.96 9.09 -0.95
N SER A 144 3.26 10.17 -0.22
CA SER A 144 2.22 10.96 0.45
C SER A 144 1.22 10.15 1.30
N PRO A 145 1.70 9.44 2.33
CA PRO A 145 0.75 8.77 3.23
C PRO A 145 -0.02 9.78 4.06
N ASN A 146 0.53 10.98 4.21
CA ASN A 146 -0.03 11.98 5.12
C ASN A 146 -0.04 13.40 4.56
N ASN A 147 -0.72 13.57 3.43
CA ASN A 147 -0.90 14.88 2.82
C ASN A 147 0.39 15.60 2.40
N GLU A 148 1.50 14.86 2.32
CA GLU A 148 2.74 15.48 1.87
C GLU A 148 2.65 15.94 0.41
N LYS A 149 3.39 16.99 0.06
CA LYS A 149 3.65 17.35 -1.33
C LYS A 149 4.61 16.33 -1.94
N PHE A 150 4.28 15.81 -3.11
CA PHE A 150 5.22 14.92 -3.79
C PHE A 150 5.57 15.46 -5.17
N SER A 151 6.86 15.59 -5.42
CA SER A 151 7.34 15.97 -6.75
C SER A 151 8.38 14.95 -7.18
N SER A 152 8.35 14.58 -8.46
CA SER A 152 9.36 13.67 -8.98
C SER A 152 10.05 14.28 -10.18
N ASN A 153 11.38 14.28 -10.15
CA ASN A 153 12.16 14.63 -11.33
C ASN A 153 12.20 13.44 -12.30
N ALA A 154 11.41 12.42 -11.99
CA ALA A 154 11.46 11.14 -12.71
C ALA A 154 11.24 11.34 -14.20
N ARG A 155 12.17 10.80 -14.98
CA ARG A 155 12.03 10.78 -16.43
C ARG A 155 10.73 10.07 -16.83
N SER A 156 10.22 10.47 -17.98
CA SER A 156 9.00 9.90 -18.56
C SER A 156 9.25 9.69 -20.05
N ILE A 157 9.39 8.44 -20.45
CA ILE A 157 9.81 8.09 -21.81
C ILE A 157 8.92 6.99 -22.39
N VAL A 158 8.46 7.18 -23.63
CA VAL A 158 7.60 6.21 -24.26
C VAL A 158 8.10 5.89 -25.67
N LEU A 159 8.21 4.61 -26.00
CA LEU A 159 8.51 4.17 -27.36
C LEU A 159 7.33 3.38 -27.91
N LYS A 160 7.07 3.58 -29.20
CA LYS A 160 5.96 2.93 -29.86
C LYS A 160 6.47 2.22 -31.11
N VAL A 161 5.97 1.01 -31.32
CA VAL A 161 6.41 0.19 -32.44
C VAL A 161 5.93 0.79 -33.75
N THR A 162 6.84 0.90 -34.71
CA THR A 162 6.52 1.41 -36.05
C THR A 162 6.74 0.34 -37.12
N ASP A 163 5.99 -0.76 -36.99
CA ASP A 163 6.06 -1.88 -37.91
C ASP A 163 4.61 -2.28 -38.17
N GLU A 164 4.29 -2.70 -39.39
CA GLU A 164 2.90 -2.99 -39.73
C GLU A 164 2.45 -4.32 -39.13
N ALA A 165 3.41 -5.20 -38.90
CA ALA A 165 3.11 -6.54 -38.40
C ALA A 165 2.99 -6.61 -36.87
N TYR A 166 3.28 -5.50 -36.19
CA TYR A 166 3.34 -5.50 -34.72
C TYR A 166 2.67 -4.31 -34.08
N ASP A 167 2.11 -4.55 -32.90
CA ASP A 167 1.77 -3.49 -31.96
C ASP A 167 2.73 -3.54 -30.77
N GLY A 168 3.14 -2.38 -30.27
CA GLY A 168 4.06 -2.35 -29.14
C GLY A 168 4.23 -0.99 -28.49
N LEU A 169 4.36 -1.00 -27.16
CA LEU A 169 4.52 0.23 -26.37
C LEU A 169 5.45 -0.08 -25.21
N VAL A 170 6.46 0.75 -25.01
CA VAL A 170 7.27 0.67 -23.80
C VAL A 170 7.18 2.01 -23.07
N ILE A 171 6.86 1.96 -21.78
CA ILE A 171 6.70 3.18 -20.98
C ILE A 171 7.71 3.19 -19.84
N VAL A 172 8.59 4.20 -19.87
CA VAL A 172 9.67 4.34 -18.90
C VAL A 172 9.35 5.45 -17.88
N ILE A 173 9.11 5.08 -16.64
CA ILE A 173 8.92 6.07 -15.58
C ILE A 173 9.95 5.90 -14.46
N GLY A 174 10.84 6.90 -14.35
CA GLY A 174 11.95 6.80 -13.44
C GLY A 174 12.72 5.51 -13.69
N ARG A 175 12.80 4.67 -12.66
CA ARG A 175 13.55 3.41 -12.76
C ARG A 175 12.71 2.26 -13.30
N TRP A 176 11.41 2.47 -13.44
CA TRP A 176 10.50 1.36 -13.76
C TRP A 176 10.00 1.35 -15.21
N ILE A 177 10.29 0.26 -15.92
CA ILE A 177 9.92 0.13 -17.32
C ILE A 177 8.91 -0.99 -17.49
N GLN A 178 7.79 -0.69 -18.14
CA GLN A 178 6.85 -1.73 -18.55
C GLN A 178 6.59 -1.61 -20.04
N GLY A 179 6.46 -2.76 -20.70
CA GLY A 179 6.31 -2.79 -22.14
C GLY A 179 5.52 -3.99 -22.65
N PHE A 180 4.97 -3.85 -23.87
CA PHE A 180 4.41 -4.99 -24.58
C PHE A 180 4.84 -4.99 -26.06
N LEU A 181 4.74 -6.18 -26.67
CA LEU A 181 4.92 -6.35 -28.12
C LEU A 181 3.99 -7.47 -28.55
N SER A 182 3.06 -7.16 -29.44
CA SER A 182 2.11 -8.17 -29.91
C SER A 182 2.15 -8.30 -31.44
N GLN A 183 1.93 -9.53 -31.92
CA GLN A 183 1.83 -9.78 -33.36
C GLN A 183 0.45 -9.44 -33.86
N LYS A 184 0.36 -8.52 -34.82
CA LYS A 184 -0.92 -8.05 -35.34
C LYS A 184 -1.84 -9.19 -35.75
N ASN A 185 -1.36 -10.05 -36.65
CA ASN A 185 -2.13 -11.17 -37.14
C ASN A 185 -1.97 -12.42 -36.29
N ASN A 186 -2.53 -12.39 -35.09
CA ASN A 186 -2.44 -13.53 -34.18
C ASN A 186 -3.38 -13.38 -32.98
N ASN A 187 -4.08 -14.47 -32.65
CA ASN A 187 -4.99 -14.48 -31.52
C ASN A 187 -4.56 -15.49 -30.46
N THR A 188 -3.29 -15.89 -30.52
CA THR A 188 -2.75 -16.85 -29.56
C THR A 188 -1.69 -16.25 -28.63
N ILE A 189 -1.56 -16.88 -27.48
CA ILE A 189 -0.58 -16.55 -26.46
C ILE A 189 0.82 -16.47 -27.05
N GLU A 190 0.97 -17.08 -28.22
CA GLU A 190 2.26 -17.13 -28.88
C GLU A 190 2.60 -15.75 -29.47
N GLY A 191 1.57 -14.94 -29.65
CA GLY A 191 1.74 -13.62 -30.21
C GLY A 191 2.02 -12.54 -29.19
N LEU A 192 2.11 -12.89 -27.90
CA LEU A 192 2.35 -11.86 -26.86
C LEU A 192 3.76 -11.80 -26.26
N ASN A 193 4.23 -10.59 -25.99
CA ASN A 193 5.46 -10.33 -25.26
C ASN A 193 5.31 -9.17 -24.25
N PHE A 194 5.84 -9.36 -23.04
CA PHE A 194 5.81 -8.30 -22.03
C PHE A 194 7.14 -8.24 -21.31
N ILE A 195 7.50 -7.07 -20.82
CA ILE A 195 8.64 -6.97 -19.93
C ILE A 195 8.35 -5.97 -18.83
N ARG A 196 8.92 -6.26 -17.66
CA ARG A 196 8.97 -5.32 -16.57
C ARG A 196 10.44 -5.25 -16.21
N LEU A 197 11.02 -4.08 -16.37
CA LEU A 197 12.45 -3.92 -16.22
C LEU A 197 12.70 -2.88 -15.13
N LEU A 198 13.72 -3.09 -14.31
CA LEU A 198 14.04 -2.16 -13.25
C LEU A 198 15.50 -1.76 -13.34
N GLU A 199 15.76 -0.46 -13.44
CA GLU A 199 17.13 0.03 -13.36
C GLU A 199 17.48 0.28 -11.89
N LYS A 200 18.35 -0.58 -11.36
CA LYS A 200 18.78 -0.57 -9.97
C LYS A 200 19.75 0.57 -9.71
N ASP A 201 19.87 0.98 -8.45
CA ASP A 201 20.85 2.00 -8.06
C ASP A 201 22.27 1.63 -8.52
N SER A 202 22.55 0.33 -8.70
CA SER A 202 23.83 -0.10 -9.26
C SER A 202 24.05 0.48 -10.65
N GLY A 203 22.97 0.88 -11.31
CA GLY A 203 23.04 1.32 -12.68
C GLY A 203 22.66 0.22 -13.65
N LYS A 204 22.84 -1.03 -13.24
CA LYS A 204 22.40 -2.17 -14.05
C LYS A 204 20.87 -2.27 -14.04
N SER A 205 20.31 -2.93 -15.05
CA SER A 205 18.87 -3.16 -15.10
C SER A 205 18.60 -4.64 -14.89
N GLU A 206 17.40 -4.93 -14.39
CA GLU A 206 17.08 -6.31 -14.09
C GLU A 206 15.65 -6.60 -14.49
N PHE A 207 15.42 -7.80 -15.01
CA PHE A 207 14.09 -8.23 -15.47
C PHE A 207 13.27 -8.78 -14.33
N LEU A 208 12.24 -8.05 -13.94
CA LEU A 208 11.34 -8.54 -12.90
C LEU A 208 10.39 -9.54 -13.50
N LEU A 209 10.21 -9.43 -14.81
CA LEU A 209 9.25 -10.23 -15.54
C LEU A 209 9.58 -10.12 -17.03
N SER A 210 9.38 -11.22 -17.74
CA SER A 210 9.73 -11.32 -19.15
C SER A 210 8.98 -12.48 -19.77
N TYR A 211 7.99 -12.16 -20.60
CA TYR A 211 7.13 -13.16 -21.18
C TYR A 211 7.12 -13.04 -22.70
N GLY A 212 7.36 -14.15 -23.38
CA GLY A 212 7.28 -14.17 -24.84
C GLY A 212 8.64 -14.40 -25.49
N LYS A 213 8.62 -14.82 -26.74
CA LYS A 213 9.88 -15.21 -27.37
C LYS A 213 10.55 -14.09 -28.18
N GLU A 214 9.85 -12.96 -28.36
CA GLU A 214 10.42 -11.84 -29.11
C GLU A 214 10.87 -10.65 -28.25
N VAL A 215 11.00 -10.90 -26.95
CA VAL A 215 11.42 -9.90 -25.98
C VAL A 215 12.70 -9.14 -26.36
N ASN A 216 13.64 -9.81 -27.02
CA ASN A 216 14.86 -9.11 -27.46
C ASN A 216 14.63 -8.08 -28.58
N LYS A 217 13.38 -7.95 -29.04
CA LYS A 217 13.02 -6.93 -30.02
C LYS A 217 12.45 -5.69 -29.32
N ILE A 218 12.50 -5.69 -27.99
CA ILE A 218 12.05 -4.55 -27.20
C ILE A 218 13.23 -3.79 -26.62
N PRO A 219 13.31 -2.48 -26.92
CA PRO A 219 14.47 -1.69 -26.48
C PRO A 219 14.54 -1.67 -24.93
N GLN A 220 15.75 -1.73 -24.39
CA GLN A 220 15.96 -1.91 -22.96
C GLN A 220 16.84 -0.79 -22.38
N SER A 221 17.21 0.15 -23.24
CA SER A 221 18.05 1.27 -22.82
C SER A 221 17.53 2.55 -23.47
N TYR A 222 17.45 3.63 -22.70
CA TYR A 222 16.78 4.84 -23.18
C TYR A 222 17.70 6.04 -23.07
N GLU A 223 18.99 5.73 -22.94
CA GLU A 223 20.03 6.76 -22.92
C GLU A 223 20.27 7.38 -24.29
N ASN A 224 20.49 8.69 -24.29
CA ASN A 224 20.92 9.39 -25.50
C ASN A 224 19.97 9.18 -26.67
N LEU A 225 18.68 9.31 -26.37
CA LEU A 225 17.64 9.32 -27.39
C LEU A 225 17.05 10.71 -27.37
N LYS A 226 16.18 11.00 -28.33
CA LYS A 226 15.36 12.21 -28.23
C LYS A 226 13.99 11.92 -28.81
N LYS A 227 13.05 12.82 -28.57
CA LYS A 227 11.71 12.63 -29.10
C LYS A 227 11.81 12.58 -30.61
N GLY A 228 11.20 11.57 -31.20
CA GLY A 228 11.29 11.40 -32.64
C GLY A 228 12.37 10.43 -33.10
N SER A 229 13.32 10.11 -32.20
CA SER A 229 14.33 9.10 -32.52
C SER A 229 13.68 7.80 -32.99
N THR A 230 14.36 7.12 -33.92
CA THR A 230 13.99 5.76 -34.24
C THR A 230 15.00 4.81 -33.58
N VAL A 231 14.48 3.84 -32.86
CA VAL A 231 15.32 2.86 -32.21
C VAL A 231 15.03 1.49 -32.80
N THR A 232 16.08 0.82 -33.26
CA THR A 232 15.92 -0.52 -33.84
C THR A 232 16.52 -1.61 -32.94
N SER A 233 15.67 -2.54 -32.54
CA SER A 233 16.08 -3.67 -31.72
C SER A 233 15.82 -4.96 -32.49
N ASN A 234 16.88 -5.57 -33.01
CA ASN A 234 16.76 -6.82 -33.77
C ASN A 234 15.77 -6.71 -34.92
N GLY A 235 15.98 -5.73 -35.78
CA GLY A 235 15.11 -5.55 -36.94
C GLY A 235 13.75 -4.90 -36.68
N LEU A 236 13.35 -4.79 -35.42
CA LEU A 236 12.09 -4.10 -35.08
C LEU A 236 12.33 -2.62 -34.75
N ASN A 237 11.63 -1.74 -35.47
CA ASN A 237 11.75 -0.30 -35.27
C ASN A 237 10.74 0.22 -34.26
N TRP A 238 11.22 1.08 -33.38
CA TRP A 238 10.35 1.79 -32.46
C TRP A 238 10.61 3.26 -32.64
N GLU A 239 9.59 4.07 -32.41
CA GLU A 239 9.74 5.52 -32.39
C GLU A 239 9.59 6.02 -30.96
N VAL A 240 10.49 6.89 -30.54
CA VAL A 240 10.35 7.59 -29.25
C VAL A 240 9.28 8.66 -29.39
N ILE A 241 8.08 8.41 -28.88
CA ILE A 241 6.99 9.38 -29.05
C ILE A 241 6.86 10.34 -27.87
N GLU A 242 7.68 10.11 -26.84
CA GLU A 242 7.71 10.95 -25.66
C GLU A 242 9.10 10.83 -25.03
N TYR A 243 9.69 11.97 -24.68
CA TYR A 243 11.00 11.98 -24.06
C TYR A 243 11.18 13.14 -23.08
N HIS A 244 10.65 12.99 -21.87
CA HIS A 244 10.89 13.96 -20.81
C HIS A 244 11.98 13.46 -19.88
N ALA A 245 13.22 13.85 -20.15
CA ALA A 245 14.35 13.50 -19.29
C ALA A 245 14.18 14.04 -17.86
N HIS B 1 7.66 -13.36 15.84
CA HIS B 1 9.09 -13.64 16.02
C HIS B 1 9.94 -12.59 15.31
N MET B 2 9.45 -12.12 14.16
CA MET B 2 10.01 -10.93 13.54
C MET B 2 9.11 -9.77 13.95
N PRO B 3 9.72 -8.62 14.34
CA PRO B 3 8.87 -7.47 14.62
C PRO B 3 8.16 -7.07 13.33
N ALA B 4 6.98 -6.46 13.45
CA ALA B 4 6.25 -6.10 12.24
C ALA B 4 5.75 -4.67 12.34
N LEU B 5 5.78 -3.96 11.22
CA LEU B 5 5.21 -2.61 11.14
C LEU B 5 4.18 -2.59 10.02
N LEU B 6 2.93 -2.27 10.34
CA LEU B 6 1.90 -2.32 9.33
C LEU B 6 1.25 -0.95 9.07
N LYS B 7 1.06 -0.62 7.80
CA LYS B 7 0.41 0.63 7.44
C LYS B 7 -0.99 0.33 6.93
N ARG B 8 -2.00 0.96 7.52
CA ARG B 8 -3.37 0.70 7.11
C ARG B 8 -3.69 1.34 5.76
N LEU B 9 -4.30 0.53 4.89
CA LEU B 9 -4.63 0.95 3.54
C LEU B 9 -6.09 1.36 3.44
N LEU B 10 -6.99 0.57 4.03
CA LEU B 10 -8.41 0.94 4.08
C LEU B 10 -9.14 0.41 5.30
N PHE B 11 -10.28 1.06 5.59
CA PHE B 11 -11.11 0.75 6.75
C PHE B 11 -12.58 0.85 6.32
N GLN B 12 -13.27 -0.28 6.35
CA GLN B 12 -14.61 -0.34 5.84
C GLN B 12 -15.61 -0.80 6.88
N VAL B 13 -16.60 0.05 7.14
CA VAL B 13 -17.86 -0.36 7.73
C VAL B 13 -18.96 0.11 6.80
N GLY B 14 -19.74 -0.85 6.29
CA GLY B 14 -20.71 -0.54 5.26
C GLY B 14 -20.18 -0.91 3.89
N PRO B 15 -20.86 -0.44 2.83
CA PRO B 15 -20.52 -0.72 1.43
C PRO B 15 -19.46 0.26 0.97
N HIS B 16 -18.93 1.03 1.93
CA HIS B 16 -18.17 2.24 1.65
C HIS B 16 -16.83 2.35 2.35
N PRO B 17 -15.79 1.72 1.79
CA PRO B 17 -14.45 1.81 2.40
C PRO B 17 -13.88 3.21 2.25
N ASN B 18 -12.88 3.54 3.05
CA ASN B 18 -12.22 4.83 2.97
C ASN B 18 -10.97 4.78 3.86
N GLU B 19 -10.16 5.83 3.85
CA GLU B 19 -8.99 5.86 4.74
C GLU B 19 -8.61 7.29 5.11
N ARG B 20 -9.00 7.67 6.32
CA ARG B 20 -8.81 9.02 6.80
C ARG B 20 -7.57 9.14 7.68
N THR B 21 -6.88 8.02 7.88
CA THR B 21 -5.76 8.00 8.83
C THR B 21 -4.41 7.77 8.17
N PHE B 22 -3.35 8.22 8.84
CA PHE B 22 -2.02 7.65 8.65
C PHE B 22 -1.80 6.67 9.83
N THR B 23 -2.36 5.48 9.70
CA THR B 23 -2.30 4.48 10.76
C THR B 23 -1.12 3.53 10.58
N LEU B 24 -0.30 3.44 11.62
CA LEU B 24 0.73 2.43 11.72
C LEU B 24 0.47 1.58 12.96
N SER B 25 0.57 0.26 12.78
CA SER B 25 0.54 -0.65 13.92
C SER B 25 1.91 -1.29 14.09
N SER B 26 2.44 -1.21 15.32
CA SER B 26 3.70 -1.85 15.64
C SER B 26 3.48 -3.09 16.49
N VAL B 27 4.06 -4.21 16.05
CA VAL B 27 4.06 -5.42 16.85
C VAL B 27 5.52 -5.76 17.11
N SER B 28 5.92 -5.77 18.38
CA SER B 28 7.31 -6.02 18.72
C SER B 28 7.54 -7.51 18.53
N THR B 29 8.81 -7.89 18.46
CA THR B 29 9.16 -9.30 18.40
C THR B 29 8.43 -10.14 19.45
N ASP B 30 8.36 -9.62 20.69
CA ASP B 30 7.77 -10.39 21.79
C ASP B 30 6.26 -10.28 21.75
N GLY B 31 5.75 -9.49 20.80
CA GLY B 31 4.31 -9.39 20.60
C GLY B 31 3.61 -8.27 21.36
N HIS B 32 4.36 -7.31 21.86
CA HIS B 32 3.73 -6.11 22.40
C HIS B 32 3.26 -5.24 21.24
N TYR B 33 2.20 -4.47 21.44
CA TYR B 33 1.60 -3.77 20.32
C TYR B 33 1.09 -2.38 20.66
N ILE B 34 1.12 -1.52 19.65
CA ILE B 34 0.51 -0.20 19.75
C ILE B 34 0.00 0.18 18.37
N SER B 35 -1.16 0.80 18.32
CA SER B 35 -1.70 1.24 17.05
C SER B 35 -2.19 2.66 17.22
N LEU B 36 -1.54 3.60 16.54
CA LEU B 36 -1.94 5.01 16.58
C LEU B 36 -2.53 5.40 15.23
N ARG B 37 -3.70 6.04 15.26
CA ARG B 37 -4.46 6.30 14.05
C ARG B 37 -4.85 7.77 13.92
N PRO B 38 -3.87 8.66 13.68
CA PRO B 38 -4.19 10.07 13.48
C PRO B 38 -4.90 10.32 12.16
N PHE B 39 -5.80 11.32 12.13
CA PHE B 39 -6.42 11.72 10.87
C PHE B 39 -5.43 12.48 10.06
N VAL B 40 -5.53 12.35 8.74
CA VAL B 40 -4.73 13.17 7.85
C VAL B 40 -5.31 14.58 7.76
N LYS B 41 -6.62 14.67 7.53
CA LYS B 41 -7.33 15.95 7.43
C LYS B 41 -8.51 15.95 8.39
N PRO B 42 -8.23 16.17 9.68
CA PRO B 42 -9.28 16.22 10.70
C PRO B 42 -10.22 17.39 10.42
N SER B 43 -11.50 17.25 10.73
CA SER B 43 -12.46 18.35 10.63
C SER B 43 -12.31 19.26 11.85
N GLY B 44 -13.00 20.41 11.85
CA GLY B 44 -12.96 21.31 12.99
C GLY B 44 -13.32 20.60 14.28
N ASP B 45 -14.32 19.74 14.20
CA ASP B 45 -14.81 18.99 15.35
C ASP B 45 -13.73 18.08 15.97
N GLU B 46 -12.87 17.53 15.12
CA GLU B 46 -11.86 16.57 15.56
C GLU B 46 -10.48 17.22 15.70
N LEU B 47 -10.43 18.54 15.57
CA LEU B 47 -9.18 19.29 15.74
C LEU B 47 -8.56 19.04 17.10
N SER B 48 -9.37 19.03 18.14
CA SER B 48 -8.87 18.89 19.52
C SER B 48 -8.25 17.51 19.79
N PHE B 49 -8.69 16.51 19.04
CA PHE B 49 -8.25 15.13 19.25
C PHE B 49 -8.24 14.41 17.92
N PRO B 50 -7.21 14.70 17.11
CA PRO B 50 -7.10 14.33 15.71
C PRO B 50 -6.72 12.86 15.47
N PHE B 51 -7.45 11.94 16.07
CA PHE B 51 -7.18 10.51 15.93
C PHE B 51 -8.48 9.71 15.83
N GLU B 52 -8.55 8.85 14.82
CA GLU B 52 -9.73 8.02 14.63
C GLU B 52 -9.82 7.21 15.92
N TRP B 53 -8.70 6.63 16.32
CA TRP B 53 -8.63 5.81 17.52
C TRP B 53 -7.18 5.52 17.87
N ALA B 54 -6.97 4.91 19.03
CA ALA B 54 -5.63 4.57 19.47
C ALA B 54 -5.68 3.52 20.58
N PHE B 55 -4.92 2.44 20.42
CA PHE B 55 -4.90 1.39 21.43
C PHE B 55 -3.51 0.79 21.57
N ALA B 56 -3.28 0.09 22.68
CA ALA B 56 -2.00 -0.54 22.95
C ALA B 56 -2.17 -1.61 24.00
N GLY B 57 -1.19 -2.51 24.07
CA GLY B 57 -1.22 -3.59 25.04
C GLY B 57 0.09 -4.37 25.01
N THR B 58 0.36 -5.08 26.11
CA THR B 58 1.47 -6.01 26.16
C THR B 58 1.04 -7.32 25.49
N ASN B 59 2.00 -8.21 25.22
CA ASN B 59 1.71 -9.44 24.52
C ASN B 59 0.59 -10.28 25.17
N GLU B 60 0.48 -10.22 26.49
CA GLU B 60 -0.52 -11.02 27.23
C GLU B 60 -1.96 -10.57 26.96
N THR B 61 -2.13 -9.37 26.40
CA THR B 61 -3.48 -8.83 26.20
C THR B 61 -4.09 -9.24 24.85
N VAL B 62 -3.31 -9.95 24.04
CA VAL B 62 -3.83 -10.56 22.81
C VAL B 62 -3.60 -12.07 22.73
N LYS B 63 -4.64 -12.79 22.35
CA LYS B 63 -4.53 -14.22 22.09
C LYS B 63 -4.34 -14.47 20.60
N ALA B 64 -3.17 -15.03 20.22
CA ALA B 64 -2.83 -15.28 18.82
C ALA B 64 -2.88 -16.75 18.51
N ASN B 65 -3.75 -17.13 17.59
CA ASN B 65 -3.84 -18.53 17.16
C ASN B 65 -3.77 -18.71 15.64
N ASP B 66 -2.71 -19.38 15.18
CA ASP B 66 -2.67 -19.87 13.79
C ASP B 66 -3.77 -20.87 13.59
N GLN B 67 -4.32 -20.89 12.38
CA GLN B 67 -5.02 -22.06 11.90
C GLN B 67 -4.23 -22.54 10.68
N GLY B 68 -3.03 -21.99 10.52
CA GLY B 68 -2.03 -22.51 9.60
C GLY B 68 -1.95 -21.99 8.15
N ASN B 69 -3.08 -21.77 7.50
CA ASN B 69 -3.06 -21.39 6.08
C ASN B 69 -3.04 -19.87 5.85
N GLY B 70 -1.97 -19.22 6.30
CA GLY B 70 -1.89 -17.77 6.30
C GLY B 70 -3.02 -17.10 7.08
N VAL B 71 -3.71 -17.88 7.92
CA VAL B 71 -4.84 -17.40 8.71
C VAL B 71 -4.56 -17.50 10.21
N VAL B 72 -4.74 -16.39 10.91
CA VAL B 72 -4.58 -16.38 12.36
C VAL B 72 -5.66 -15.53 13.01
N THR B 73 -6.08 -15.93 14.18
CA THR B 73 -7.05 -15.17 14.95
C THR B 73 -6.32 -14.38 16.01
N GLN B 74 -6.82 -13.20 16.31
CA GLN B 74 -6.23 -12.39 17.36
C GLN B 74 -7.35 -11.83 18.20
N ASP B 75 -7.36 -12.20 19.47
CA ASP B 75 -8.39 -11.74 20.37
C ASP B 75 -7.79 -10.74 21.33
N PHE B 76 -8.34 -9.53 21.28
CA PHE B 76 -7.76 -8.40 21.99
C PHE B 76 -8.54 -8.02 23.23
N ASN B 77 -7.81 -7.87 24.32
CA ASN B 77 -8.33 -7.14 25.48
C ASN B 77 -7.42 -5.96 25.82
N PHE B 78 -7.81 -4.80 25.29
CA PHE B 78 -6.95 -3.63 25.22
C PHE B 78 -6.54 -3.05 26.57
N TRP B 79 -5.25 -2.80 26.73
CA TRP B 79 -4.75 -2.05 27.88
C TRP B 79 -5.06 -0.56 27.70
N LEU B 80 -4.56 0.01 26.60
CA LEU B 80 -4.92 1.36 26.19
C LEU B 80 -6.01 1.25 25.13
N ASP B 81 -7.09 2.02 25.31
CA ASP B 81 -8.17 2.13 24.34
C ASP B 81 -8.83 3.49 24.54
N THR B 82 -8.49 4.46 23.70
CA THR B 82 -8.99 5.82 23.90
C THR B 82 -10.53 5.90 23.97
N ASN B 83 -11.21 4.90 23.38
CA ASN B 83 -12.66 4.86 23.49
C ASN B 83 -13.13 4.74 24.93
N VAL B 84 -12.40 3.96 25.74
CA VAL B 84 -12.78 3.75 27.12
C VAL B 84 -12.10 4.74 28.07
N TYR B 85 -10.93 5.23 27.71
CA TYR B 85 -10.28 6.26 28.52
C TYR B 85 -11.15 7.50 28.53
N LEU B 86 -11.85 7.73 27.42
CA LEU B 86 -12.63 8.95 27.24
C LEU B 86 -14.14 8.71 27.43
N ASN B 87 -14.51 7.45 27.68
CA ASN B 87 -15.93 7.08 27.73
C ASN B 87 -16.71 7.61 26.53
N VAL B 88 -16.20 7.38 25.33
CA VAL B 88 -16.94 7.77 24.14
C VAL B 88 -18.17 6.87 24.00
N PRO B 89 -19.32 7.47 23.65
CA PRO B 89 -20.61 6.77 23.50
C PRO B 89 -20.65 5.90 22.26
N ASN B 90 -21.54 4.91 22.27
CA ASN B 90 -21.78 4.08 21.09
C ASN B 90 -20.50 3.39 20.64
N THR B 91 -19.76 2.84 21.59
CA THR B 91 -18.44 2.29 21.30
C THR B 91 -18.24 0.95 22.00
N HIS B 92 -17.72 -0.02 21.25
CA HIS B 92 -17.54 -1.39 21.75
C HIS B 92 -16.82 -1.44 23.11
N ARG B 93 -17.16 -2.46 23.91
CA ARG B 93 -16.48 -2.68 25.20
C ARG B 93 -16.15 -4.16 25.38
N GLY B 94 -15.01 -4.44 25.98
CA GLY B 94 -14.58 -5.81 26.21
C GLY B 94 -13.74 -6.38 25.08
N GLU B 95 -13.44 -7.68 25.17
CA GLU B 95 -12.71 -8.38 24.14
C GLU B 95 -13.18 -8.10 22.71
N VAL B 96 -12.23 -8.01 21.78
CA VAL B 96 -12.56 -7.89 20.35
C VAL B 96 -11.94 -9.06 19.59
N ASN B 97 -12.74 -9.71 18.76
CA ASN B 97 -12.30 -10.91 18.05
C ASN B 97 -12.05 -10.63 16.56
N THR B 98 -10.85 -10.97 16.10
CA THR B 98 -10.42 -10.62 14.75
C THR B 98 -9.79 -11.80 14.04
N THR B 99 -9.87 -11.76 12.72
CA THR B 99 -9.21 -12.73 11.87
C THR B 99 -8.28 -12.03 10.88
N TRP B 100 -7.10 -12.62 10.69
CA TRP B 100 -6.08 -12.03 9.85
C TRP B 100 -5.66 -13.02 8.76
N LYS B 101 -5.97 -12.69 7.50
CA LYS B 101 -5.65 -13.58 6.38
C LYS B 101 -4.63 -12.93 5.44
N ASN B 102 -3.49 -13.59 5.23
CA ASN B 102 -2.50 -13.11 4.25
C ASN B 102 -3.01 -13.27 2.82
N TRP B 103 -2.65 -12.32 1.95
CA TRP B 103 -2.93 -12.43 0.53
C TRP B 103 -1.65 -12.75 -0.19
N ASP B 104 -1.75 -13.21 -1.43
CA ASP B 104 -0.56 -13.48 -2.23
C ASP B 104 0.29 -12.22 -2.42
N SER B 105 -0.36 -11.05 -2.43
CA SER B 105 0.33 -9.79 -2.69
C SER B 105 1.18 -9.38 -1.49
N GLY B 106 1.02 -10.09 -0.37
CA GLY B 106 1.79 -9.77 0.83
C GLY B 106 1.14 -8.75 1.75
N CYS B 107 -0.06 -8.29 1.40
CA CYS B 107 -0.85 -7.48 2.31
C CYS B 107 -1.67 -8.42 3.18
N VAL B 108 -2.19 -7.90 4.30
CA VAL B 108 -2.99 -8.72 5.21
C VAL B 108 -4.37 -8.14 5.43
N GLU B 109 -5.38 -9.02 5.41
CA GLU B 109 -6.76 -8.58 5.58
C GLU B 109 -7.27 -8.85 6.99
N GLU B 110 -7.68 -7.78 7.68
CA GLU B 110 -8.23 -7.90 9.03
C GLU B 110 -9.75 -7.82 9.00
N THR B 111 -10.39 -8.82 9.57
CA THR B 111 -11.86 -8.79 9.68
C THR B 111 -12.34 -9.09 11.10
N GLY B 112 -13.58 -8.70 11.37
CA GLY B 112 -14.19 -8.92 12.68
C GLY B 112 -15.52 -8.20 12.77
N ALA B 113 -16.09 -8.25 13.96
CA ALA B 113 -17.35 -7.57 14.23
C ALA B 113 -17.26 -6.96 15.61
N VAL B 114 -18.02 -5.90 15.82
CA VAL B 114 -17.91 -5.16 17.07
C VAL B 114 -19.29 -4.74 17.57
N TYR B 115 -19.42 -4.53 18.88
CA TYR B 115 -20.71 -4.24 19.49
C TYR B 115 -20.73 -2.88 20.15
N PRO B 116 -20.93 -1.84 19.34
CA PRO B 116 -20.90 -0.44 19.75
C PRO B 116 -22.09 -0.02 20.61
N PHE B 117 -23.23 -0.71 20.46
CA PHE B 117 -24.41 -0.40 21.25
C PHE B 117 -24.68 -1.50 22.28
N GLY B 118 -23.62 -2.18 22.70
CA GLY B 118 -23.71 -3.21 23.72
C GLY B 118 -23.74 -4.61 23.15
N ALA B 119 -23.28 -5.58 23.95
CA ALA B 119 -23.24 -6.98 23.56
C ALA B 119 -24.62 -7.53 23.17
N ASP B 120 -25.66 -6.92 23.75
CA ASP B 120 -27.04 -7.32 23.45
C ASP B 120 -27.68 -6.40 22.41
N LYS B 121 -26.96 -6.15 21.31
CA LYS B 121 -27.46 -5.30 20.24
C LYS B 121 -26.95 -5.82 18.89
N GLU B 122 -27.22 -5.06 17.83
CA GLU B 122 -26.79 -5.43 16.50
C GLU B 122 -25.26 -5.31 16.39
N SER B 123 -24.61 -6.31 15.79
CA SER B 123 -23.17 -6.28 15.60
C SER B 123 -22.80 -5.72 14.24
N VAL B 124 -21.90 -4.74 14.23
CA VAL B 124 -21.34 -4.21 12.99
C VAL B 124 -20.07 -4.98 12.58
N SER B 125 -20.00 -5.39 11.31
CA SER B 125 -18.81 -6.08 10.84
C SER B 125 -17.88 -5.11 10.10
N PHE B 126 -16.58 -5.22 10.36
CA PHE B 126 -15.59 -4.35 9.74
C PHE B 126 -14.54 -5.15 8.97
N ARG B 127 -13.85 -4.46 8.07
CA ARG B 127 -12.65 -5.00 7.44
C ARG B 127 -11.59 -3.92 7.40
N GLU B 128 -10.33 -4.30 7.63
CA GLU B 128 -9.20 -3.38 7.47
C GLU B 128 -8.09 -4.02 6.66
N MET B 129 -7.48 -3.26 5.75
CA MET B 129 -6.41 -3.81 4.93
C MET B 129 -5.06 -3.26 5.35
N TRP B 130 -4.10 -4.16 5.52
CA TRP B 130 -2.80 -3.79 6.05
C TRP B 130 -1.68 -4.06 5.07
N GLN B 131 -0.76 -3.10 5.02
CA GLN B 131 0.45 -3.20 4.22
C GLN B 131 1.66 -3.31 5.14
N PRO B 132 2.30 -4.47 5.20
CA PRO B 132 3.59 -4.52 5.92
C PRO B 132 4.64 -3.69 5.18
N VAL B 133 5.43 -2.91 5.94
CA VAL B 133 6.51 -2.08 5.41
C VAL B 133 7.84 -2.43 6.11
N ASP B 134 8.96 -2.02 5.53
CA ASP B 134 10.27 -2.35 6.08
C ASP B 134 10.74 -1.34 7.15
N PRO B 135 10.63 -1.73 8.44
CA PRO B 135 10.88 -0.81 9.56
C PRO B 135 12.33 -0.31 9.61
N SER B 136 13.22 -0.92 8.81
CA SER B 136 14.61 -0.47 8.81
C SER B 136 14.84 0.70 7.83
N ARG B 137 13.77 1.09 7.15
CA ARG B 137 13.83 2.18 6.18
C ARG B 137 13.15 3.45 6.69
N GLU B 138 13.71 4.62 6.37
CA GLU B 138 13.12 5.89 6.81
C GLU B 138 11.90 6.24 5.94
N ASP B 139 11.82 5.66 4.75
CA ASP B 139 10.62 5.77 3.93
C ASP B 139 9.68 4.59 4.22
N LEU B 140 8.40 4.75 3.90
CA LEU B 140 7.46 3.64 3.85
C LEU B 140 7.75 2.78 2.60
N VAL B 141 8.43 1.67 2.82
CA VAL B 141 8.84 0.77 1.76
C VAL B 141 8.06 -0.54 1.85
N ILE B 142 7.27 -0.82 0.82
CA ILE B 142 6.48 -2.05 0.77
C ILE B 142 7.38 -3.30 0.82
N VAL B 143 6.97 -4.27 1.63
CA VAL B 143 7.70 -5.56 1.69
C VAL B 143 6.93 -6.67 0.97
N SER B 144 7.69 -7.51 0.25
CA SER B 144 7.17 -8.68 -0.45
C SER B 144 5.87 -8.47 -1.24
N PRO B 145 5.92 -7.59 -2.23
CA PRO B 145 4.78 -7.43 -3.14
C PRO B 145 4.66 -8.64 -4.09
N ASN B 146 5.72 -9.40 -4.26
CA ASN B 146 5.74 -10.49 -5.24
C ASN B 146 6.36 -11.81 -4.77
N ASN B 147 6.13 -12.15 -3.51
CA ASN B 147 6.55 -13.44 -2.95
C ASN B 147 8.03 -13.58 -2.55
N GLU B 148 8.75 -12.47 -2.43
CA GLU B 148 10.14 -12.56 -1.99
C GLU B 148 10.21 -12.75 -0.47
N LYS B 149 11.17 -13.55 0.00
CA LYS B 149 11.36 -13.71 1.44
C LYS B 149 11.87 -12.40 2.04
N PHE B 150 11.34 -12.04 3.21
CA PHE B 150 11.77 -10.82 3.87
C PHE B 150 12.32 -11.12 5.26
N SER B 151 13.59 -10.77 5.48
CA SER B 151 14.18 -10.93 6.80
C SER B 151 14.47 -9.56 7.43
N SER B 152 13.97 -9.36 8.64
CA SER B 152 14.03 -8.03 9.27
C SER B 152 15.10 -7.96 10.35
N ASN B 153 16.20 -7.28 10.04
CA ASN B 153 17.27 -7.04 11.00
C ASN B 153 16.99 -5.84 11.94
N ALA B 154 15.76 -5.34 11.89
CA ALA B 154 15.35 -4.17 12.68
C ALA B 154 15.36 -4.46 14.19
N ARG B 155 15.85 -3.49 14.95
CA ARG B 155 15.75 -3.59 16.40
C ARG B 155 14.28 -3.65 16.87
N SER B 156 14.07 -4.31 18.00
CA SER B 156 12.76 -4.42 18.62
C SER B 156 12.93 -4.07 20.10
N ILE B 157 12.43 -2.90 20.49
CA ILE B 157 12.55 -2.44 21.87
C ILE B 157 11.19 -1.96 22.39
N VAL B 158 10.74 -2.47 23.55
CA VAL B 158 9.59 -1.80 24.17
C VAL B 158 9.79 -1.35 25.63
N LEU B 159 9.33 -0.14 25.92
CA LEU B 159 9.37 0.40 27.26
C LEU B 159 7.95 0.49 27.84
N LYS B 160 7.86 0.37 29.16
CA LYS B 160 6.60 0.48 29.87
C LYS B 160 6.81 1.26 31.16
N VAL B 161 5.92 2.23 31.42
CA VAL B 161 6.08 3.10 32.59
C VAL B 161 5.97 2.35 33.89
N THR B 162 6.68 2.87 34.87
CA THR B 162 6.77 2.28 36.20
C THR B 162 6.25 3.23 37.30
N ASP B 163 6.05 4.50 36.94
CA ASP B 163 5.48 5.49 37.88
C ASP B 163 4.04 5.12 37.95
N GLU B 164 3.57 4.86 39.16
CA GLU B 164 2.14 4.48 39.40
C GLU B 164 1.31 5.69 39.09
N ALA B 165 1.90 6.71 38.46
CA ALA B 165 1.16 7.91 38.12
C ALA B 165 0.50 7.78 36.75
N TYR B 166 1.15 7.06 35.84
CA TYR B 166 0.62 6.86 34.51
C TYR B 166 0.57 5.44 34.02
N ASP B 167 -0.02 5.28 32.84
CA ASP B 167 0.16 4.09 32.01
C ASP B 167 0.95 4.53 30.78
N GLY B 168 1.80 3.65 30.26
CA GLY B 168 2.67 4.06 29.19
C GLY B 168 3.34 2.90 28.48
N LEU B 169 3.51 3.05 27.17
CA LEU B 169 4.15 2.02 26.35
C LEU B 169 4.88 2.71 25.20
N VAL B 170 6.15 2.38 25.00
CA VAL B 170 6.82 2.81 23.78
C VAL B 170 7.29 1.58 23.01
N ILE B 171 6.97 1.55 21.72
CA ILE B 171 7.45 0.45 20.88
C ILE B 171 8.37 0.97 19.77
N VAL B 172 9.60 0.46 19.81
CA VAL B 172 10.62 0.88 18.87
C VAL B 172 10.93 -0.28 17.94
N ILE B 173 10.62 -0.12 16.65
CA ILE B 173 10.91 -1.13 15.64
C ILE B 173 11.74 -0.55 14.51
N GLY B 174 13.02 -0.89 14.47
CA GLY B 174 13.90 -0.30 13.49
C GLY B 174 13.87 1.19 13.67
N ARG B 175 13.56 1.94 12.61
CA ARG B 175 13.56 3.40 12.68
C ARG B 175 12.28 4.02 13.18
N TRP B 176 11.24 3.22 13.37
CA TRP B 176 9.93 3.77 13.71
C TRP B 176 9.53 3.61 15.18
N ILE B 177 9.21 4.74 15.81
CA ILE B 177 8.82 4.76 17.22
C ILE B 177 7.43 5.32 17.40
N GLN B 178 6.55 4.53 17.99
CA GLN B 178 5.23 4.97 18.42
C GLN B 178 5.07 4.76 19.93
N GLY B 179 4.55 5.76 20.63
CA GLY B 179 4.37 5.65 22.07
C GLY B 179 3.18 6.41 22.61
N PHE B 180 2.62 5.91 23.71
CA PHE B 180 1.55 6.61 24.39
C PHE B 180 1.88 6.77 25.87
N LEU B 181 1.38 7.85 26.47
CA LEU B 181 1.53 8.10 27.91
C LEU B 181 0.21 8.61 28.43
N SER B 182 -0.37 7.92 29.41
CA SER B 182 -1.71 8.25 29.87
C SER B 182 -1.73 8.51 31.36
N GLN B 183 -2.41 9.58 31.76
CA GLN B 183 -2.65 9.87 33.18
C GLN B 183 -3.71 8.95 33.78
N LYS B 184 -3.36 8.26 34.86
CA LYS B 184 -4.38 7.57 35.65
C LYS B 184 -5.28 8.58 36.37
N ASN B 185 -6.52 8.19 36.61
CA ASN B 185 -7.48 9.05 37.31
C ASN B 185 -7.71 10.34 36.56
N ASN B 186 -7.70 10.21 35.24
CA ASN B 186 -8.18 11.24 34.36
C ASN B 186 -8.99 10.52 33.29
N ASN B 187 -9.85 11.25 32.60
CA ASN B 187 -10.70 10.68 31.58
C ASN B 187 -10.86 11.63 30.40
N THR B 188 -10.00 12.64 30.35
CA THR B 188 -10.06 13.65 29.29
C THR B 188 -8.83 13.60 28.37
N ILE B 189 -8.88 14.36 27.28
CA ILE B 189 -7.80 14.42 26.32
C ILE B 189 -6.52 15.05 26.88
N GLU B 190 -6.62 15.67 28.04
CA GLU B 190 -5.43 16.25 28.67
C GLU B 190 -4.63 15.16 29.34
N GLY B 191 -5.24 14.00 29.53
CA GLY B 191 -4.52 12.88 30.11
C GLY B 191 -3.78 12.04 29.09
N LEU B 192 -3.84 12.46 27.82
CA LEU B 192 -3.37 11.61 26.73
C LEU B 192 -2.17 12.23 26.01
N ASN B 193 -1.12 11.42 25.82
CA ASN B 193 0.06 11.82 25.05
C ASN B 193 0.46 10.73 24.05
N PHE B 194 0.77 11.12 22.82
CA PHE B 194 1.29 10.18 21.85
C PHE B 194 2.47 10.74 21.09
N ILE B 195 3.42 9.88 20.72
CA ILE B 195 4.46 10.28 19.77
C ILE B 195 4.60 9.28 18.64
N ARG B 196 5.00 9.80 17.48
CA ARG B 196 5.50 8.99 16.38
C ARG B 196 6.81 9.65 15.97
N LEU B 197 7.87 8.86 16.11
CA LEU B 197 9.23 9.34 15.97
C LEU B 197 9.88 8.54 14.85
N LEU B 198 10.68 9.20 14.02
CA LEU B 198 11.33 8.53 12.92
C LEU B 198 12.80 8.88 12.95
N GLU B 199 13.66 7.89 13.16
CA GLU B 199 15.10 8.16 13.07
C GLU B 199 15.58 8.12 11.61
N LYS B 200 15.99 9.29 11.11
CA LYS B 200 16.45 9.46 9.72
C LYS B 200 17.80 8.80 9.44
N ASP B 201 18.19 8.77 8.16
CA ASP B 201 19.48 8.19 7.79
C ASP B 201 20.62 8.96 8.44
N SER B 202 20.41 10.27 8.61
CA SER B 202 21.38 11.13 9.28
C SER B 202 21.67 10.65 10.72
N GLY B 203 20.70 9.94 11.30
CA GLY B 203 20.78 9.57 12.70
C GLY B 203 20.06 10.57 13.58
N LYS B 204 19.54 11.62 12.95
CA LYS B 204 18.66 12.58 13.61
C LYS B 204 17.23 12.03 13.67
N SER B 205 16.51 12.31 14.76
CA SER B 205 15.13 11.89 14.87
C SER B 205 14.12 13.01 14.58
N GLU B 206 13.11 12.69 13.78
CA GLU B 206 12.06 13.64 13.45
C GLU B 206 10.75 13.24 14.10
N PHE B 207 10.02 14.22 14.64
CA PHE B 207 8.65 13.94 15.10
C PHE B 207 7.70 13.90 13.94
N LEU B 208 6.94 12.83 13.82
CA LEU B 208 5.91 12.74 12.80
C LEU B 208 4.60 13.12 13.43
N LEU B 209 4.47 12.85 14.73
CA LEU B 209 3.40 13.41 15.54
C LEU B 209 3.84 13.51 16.98
N SER B 210 3.36 14.55 17.65
CA SER B 210 3.66 14.85 19.05
C SER B 210 2.38 15.45 19.63
N TYR B 211 1.76 14.76 20.58
CA TYR B 211 0.46 15.19 21.10
C TYR B 211 0.46 15.07 22.60
N GLY B 212 0.01 16.12 23.28
CA GLY B 212 -0.12 16.11 24.73
C GLY B 212 0.91 17.01 25.39
N LYS B 213 0.63 17.40 26.63
CA LYS B 213 1.51 18.34 27.34
C LYS B 213 2.70 17.68 28.05
N GLU B 214 2.70 16.34 28.12
CA GLU B 214 3.77 15.63 28.81
C GLU B 214 4.55 14.71 27.87
N VAL B 215 4.40 14.95 26.58
CA VAL B 215 5.14 14.22 25.56
C VAL B 215 6.62 14.05 25.94
N ASN B 216 7.21 15.07 26.55
CA ASN B 216 8.64 15.00 26.85
C ASN B 216 8.98 13.98 27.95
N LYS B 217 7.96 13.35 28.51
CA LYS B 217 8.18 12.34 29.55
C LYS B 217 8.35 10.96 28.93
N ILE B 218 8.15 10.89 27.60
CA ILE B 218 8.39 9.66 26.83
C ILE B 218 9.81 9.69 26.25
N PRO B 219 10.60 8.67 26.57
CA PRO B 219 11.99 8.64 26.13
C PRO B 219 12.10 8.68 24.59
N GLN B 220 13.18 9.24 24.07
CA GLN B 220 13.33 9.39 22.62
C GLN B 220 14.67 8.86 22.13
N SER B 221 15.38 8.07 22.94
CA SER B 221 16.75 7.68 22.61
C SER B 221 16.96 6.18 22.39
N TYR B 222 16.84 5.36 23.42
CA TYR B 222 16.93 3.90 23.23
C TYR B 222 18.35 3.34 23.01
N GLU B 223 19.36 4.19 23.19
CA GLU B 223 20.74 3.84 22.85
C GLU B 223 21.43 2.77 23.68
N ASN B 224 21.72 3.07 24.94
CA ASN B 224 22.51 2.16 25.74
C ASN B 224 21.62 1.39 26.69
N LEU B 225 20.85 0.45 26.15
CA LEU B 225 19.87 -0.21 27.01
C LEU B 225 20.07 -1.70 27.21
N LYS B 226 19.50 -2.20 28.30
CA LYS B 226 19.47 -3.62 28.62
C LYS B 226 18.04 -3.94 28.97
N LYS B 227 17.57 -5.10 28.56
CA LYS B 227 16.28 -5.56 29.07
C LYS B 227 16.31 -5.50 30.62
N GLY B 228 15.20 -5.06 31.21
CA GLY B 228 15.09 -4.99 32.66
C GLY B 228 15.59 -3.68 33.27
N SER B 229 16.53 -3.02 32.60
CA SER B 229 17.03 -1.72 33.08
C SER B 229 15.93 -0.65 33.05
N THR B 230 16.19 0.50 33.64
CA THR B 230 15.20 1.55 33.58
C THR B 230 15.71 2.75 32.80
N VAL B 231 14.82 3.34 32.02
CA VAL B 231 15.18 4.49 31.24
C VAL B 231 14.29 5.64 31.69
N THR B 232 14.92 6.80 31.85
CA THR B 232 14.23 7.94 32.39
C THR B 232 14.22 9.08 31.39
N SER B 233 13.14 9.85 31.43
CA SER B 233 12.96 11.02 30.58
C SER B 233 12.20 12.09 31.37
N ASN B 234 12.87 13.20 31.65
CA ASN B 234 12.26 14.34 32.36
C ASN B 234 11.45 13.95 33.59
N GLY B 235 12.10 13.22 34.51
CA GLY B 235 11.49 12.85 35.78
C GLY B 235 10.57 11.67 35.75
N LEU B 236 10.50 10.97 34.61
CA LEU B 236 9.62 9.80 34.52
C LEU B 236 10.40 8.56 34.16
N ASN B 237 10.27 7.51 34.98
CA ASN B 237 10.99 6.27 34.74
C ASN B 237 10.17 5.20 34.04
N TRP B 238 10.84 4.52 33.13
CA TRP B 238 10.27 3.48 32.32
C TRP B 238 11.13 2.24 32.46
N GLU B 239 10.49 1.07 32.34
CA GLU B 239 11.22 -0.18 32.32
C GLU B 239 11.42 -0.63 30.88
N VAL B 240 12.63 -1.09 30.56
CA VAL B 240 12.88 -1.78 29.31
C VAL B 240 12.38 -3.20 29.46
N ILE B 241 11.17 -3.48 28.99
CA ILE B 241 10.62 -4.82 29.10
C ILE B 241 10.97 -5.71 27.89
N GLU B 242 11.52 -5.10 26.83
CA GLU B 242 11.94 -5.86 25.65
C GLU B 242 13.14 -5.19 24.99
N TYR B 243 14.15 -5.99 24.71
CA TYR B 243 15.34 -5.45 24.05
C TYR B 243 15.95 -6.49 23.14
N HIS B 244 15.79 -6.29 21.85
CA HIS B 244 16.38 -7.13 20.84
C HIS B 244 17.05 -6.18 19.88
N ALA B 245 18.35 -5.97 20.03
CA ALA B 245 19.05 -5.03 19.16
C ALA B 245 19.03 -5.47 17.68
C1 PGE C . -4.15 3.98 -14.91
O1 PGE C . -4.40 3.48 -16.20
C2 PGE C . -4.64 5.45 -14.88
O2 PGE C . -4.97 5.75 -13.51
C3 PGE C . -4.42 7.00 -13.13
C4 PGE C . -5.27 7.59 -11.99
O4 PGE C . -4.71 11.76 -11.40
C6 PGE C . -5.62 11.23 -12.34
C5 PGE C . -6.06 9.81 -11.81
O3 PGE C . -4.90 8.96 -11.81
C1 PGE D . -10.27 -0.28 -16.27
O1 PGE D . -9.14 -0.24 -15.45
C2 PGE D . -10.45 -1.76 -16.72
O2 PGE D . -11.75 -2.17 -16.31
C3 PGE D . -11.78 -3.58 -16.20
C4 PGE D . -11.73 -3.94 -14.70
O4 PGE D . -13.85 -8.00 -13.85
C6 PGE D . -12.77 -7.38 -14.49
C5 PGE D . -12.84 -5.89 -14.10
O3 PGE D . -11.62 -5.34 -14.59
C1 PGE E . 10.61 -13.90 -15.06
O1 PGE E . 11.68 -13.05 -15.42
C2 PGE E . 9.53 -13.84 -16.21
O2 PGE E . 8.35 -14.53 -15.72
C3 PGE E . 7.14 -13.80 -16.06
C4 PGE E . 5.91 -14.50 -15.38
O4 PGE E . 5.87 -16.21 -11.31
C6 PGE E . 5.59 -14.91 -11.75
C5 PGE E . 5.04 -15.04 -13.21
O3 PGE E . 5.75 -14.05 -14.01
S SO4 F . 14.98 8.69 -12.40
O1 SO4 F . 14.25 9.14 -13.60
O2 SO4 F . 14.35 7.50 -11.83
O3 SO4 F . 14.93 9.76 -11.39
O4 SO4 F . 16.36 8.37 -12.80
C1 PGE G . -1.80 -6.59 15.66
O1 PGE G . -1.96 -5.22 16.00
C2 PGE G . -1.34 -6.63 14.15
O2 PGE G . -1.32 -8.01 13.70
C3 PGE G . -0.56 -8.11 12.50
C4 PGE G . -0.72 -9.52 11.88
O4 PGE G . 1.24 -13.62 12.62
C6 PGE G . 0.40 -12.72 13.28
C5 PGE G . -0.20 -11.79 12.19
O3 PGE G . 0.12 -10.45 12.58
C1 PGE H . -9.31 -4.36 16.30
O1 PGE H . -8.60 -3.49 15.42
C2 PGE H . -10.57 -3.59 16.86
O2 PGE H . -11.23 -2.90 15.78
C3 PGE H . -12.13 -1.91 16.30
C4 PGE H . -12.35 -0.76 15.26
O4 PGE H . -15.81 1.14 14.12
C6 PGE H . -14.56 0.69 14.55
C5 PGE H . -14.52 -0.83 14.27
O3 PGE H . -13.13 -1.23 14.16
C1 PGE I . 2.72 17.35 15.89
O1 PGE I . 3.80 17.12 15.03
C2 PGE I . 1.51 16.66 15.24
O2 PGE I . 0.45 16.55 16.20
C3 PGE I . -0.18 15.26 16.07
C4 PGE I . -1.60 15.42 15.52
O4 PGE I . -3.03 16.50 11.71
C6 PGE I . -2.29 15.40 12.19
C5 PGE I . -2.90 14.99 13.56
O3 PGE I . -1.80 14.52 14.41
#